data_3BS6
#
_entry.id   3BS6
#
_cell.length_a   161.150
_cell.length_b   55.640
_cell.length_c   63.330
_cell.angle_alpha   90.000
_cell.angle_beta   101.120
_cell.angle_gamma   90.000
#
_symmetry.space_group_name_H-M   'C 1 2 1'
#
loop_
_entity.id
_entity.type
_entity.pdbx_description
1 polymer 'Inner membrane protein oxaA'
2 non-polymer 'CALCIUM ION'
3 non-polymer 'TETRAETHYLENE GLYCOL'
4 non-polymer 'TRIETHYLENE GLYCOL'
5 non-polymer 1,2-ETHANEDIOL
6 non-polymer 'NONAETHYLENE GLYCOL'
7 water water
#
_entity_poly.entity_id   1
_entity_poly.type   'polypeptide(L)'
_entity_poly.pdbx_seq_one_letter_code
;GQGKLISVKTDVLDLTINTRGGDVEQALLPAYPKELNSTQPFQLLETSPQFIYQAQSGLTGRDGPDNPANGPRPLYNVEK
DAYVLAEGQNELQVP(MSE)TYTDAAGNTFTKTFVLKRGDYAVNVNYNVQNAGEKPLEISSFGQLKQSITLPPHLDTGSS
NFALHTFRGAAYSTPDEKYEKYKFDTIADNENLNISSKGGWVA(MSE)LQQYFATAWIPHNDGTNNFYTANLGNGIAAIG
YKSQPVLVQPGQTGA(MSE)NSTLWVGPEIQDK(MSE)AAVAPHLDLTVDHHHHHH
;
_entity_poly.pdbx_strand_id   A,B
#
loop_
_chem_comp.id
_chem_comp.type
_chem_comp.name
_chem_comp.formula
2PE non-polymer 'NONAETHYLENE GLYCOL' 'C18 H38 O10'
CA non-polymer 'CALCIUM ION' 'Ca 2'
EDO non-polymer 1,2-ETHANEDIOL 'C2 H6 O2'
PG4 non-polymer 'TETRAETHYLENE GLYCOL' 'C8 H18 O5'
PGE non-polymer 'TRIETHYLENE GLYCOL' 'C6 H14 O4'
#
# COMPACT_ATOMS: atom_id res chain seq x y z
N LYS A 4 -25.74 -0.33 -9.66
CA LYS A 4 -25.48 1.09 -9.99
C LYS A 4 -24.00 1.31 -10.26
N LEU A 5 -23.66 2.47 -10.80
CA LEU A 5 -22.29 2.86 -11.02
C LEU A 5 -21.86 3.78 -9.89
N ILE A 6 -20.61 3.64 -9.47
CA ILE A 6 -19.98 4.55 -8.52
C ILE A 6 -18.77 5.22 -9.15
N SER A 7 -18.45 6.41 -8.66
CA SER A 7 -17.35 7.21 -9.13
C SER A 7 -16.23 7.08 -8.09
N VAL A 8 -15.01 6.89 -8.58
CA VAL A 8 -13.82 6.79 -7.73
C VAL A 8 -12.77 7.70 -8.36
N LYS A 9 -12.32 8.71 -7.60
CA LYS A 9 -11.43 9.70 -8.15
C LYS A 9 -10.24 9.93 -7.22
N THR A 10 -9.06 9.97 -7.83
CA THR A 10 -7.86 10.42 -7.16
C THR A 10 -7.36 11.59 -7.99
N ASP A 11 -6.09 11.94 -7.78
CA ASP A 11 -5.46 13.01 -8.54
C ASP A 11 -5.11 12.59 -9.96
N VAL A 12 -4.91 11.29 -10.19
CA VAL A 12 -4.50 10.81 -11.52
C VAL A 12 -5.47 9.81 -12.20
N LEU A 13 -6.48 9.36 -11.48
CA LEU A 13 -7.44 8.39 -11.99
C LEU A 13 -8.89 8.84 -11.72
N ASP A 14 -9.73 8.64 -12.73
CA ASP A 14 -11.15 8.90 -12.60
C ASP A 14 -11.85 7.65 -13.07
N LEU A 15 -12.32 6.83 -12.13
CA LEU A 15 -12.85 5.50 -12.47
C LEU A 15 -14.36 5.45 -12.30
N THR A 16 -15.02 4.70 -13.18
CA THR A 16 -16.42 4.35 -12.99
C THR A 16 -16.51 2.84 -12.81
N ILE A 17 -17.07 2.43 -11.69
CA ILE A 17 -17.11 1.00 -11.34
C ILE A 17 -18.54 0.55 -11.19
N ASN A 18 -18.90 -0.56 -11.84
CA ASN A 18 -20.23 -1.15 -11.68
C ASN A 18 -20.27 -2.04 -10.44
N THR A 19 -21.21 -1.77 -9.54
CA THR A 19 -21.34 -2.53 -8.30
C THR A 19 -21.89 -3.94 -8.53
N ARG A 20 -22.44 -4.21 -9.71
CA ARG A 20 -22.75 -5.60 -10.06
C ARG A 20 -21.45 -6.23 -10.55
N GLY A 21 -20.74 -6.89 -9.65
CA GLY A 21 -19.50 -7.56 -10.05
C GLY A 21 -18.22 -6.78 -9.78
N GLY A 22 -18.31 -5.45 -9.80
CA GLY A 22 -17.12 -4.64 -9.54
C GLY A 22 -16.18 -4.49 -10.72
N ASP A 23 -16.72 -4.38 -11.93
CA ASP A 23 -15.89 -4.13 -13.13
C ASP A 23 -15.61 -2.64 -13.29
N VAL A 24 -14.42 -2.32 -13.79
CA VAL A 24 -14.09 -0.93 -14.17
C VAL A 24 -14.58 -0.70 -15.58
N GLU A 25 -15.63 0.13 -15.70
CA GLU A 25 -16.32 0.37 -16.98
C GLU A 25 -15.78 1.60 -17.70
N GLN A 26 -15.23 2.56 -16.94
CA GLN A 26 -14.61 3.74 -17.55
C GLN A 26 -13.41 4.09 -16.70
N ALA A 27 -12.33 4.52 -17.37
CA ALA A 27 -11.16 5.06 -16.68
C ALA A 27 -10.57 6.21 -17.48
N LEU A 28 -10.56 7.39 -16.86
CA LEU A 28 -9.95 8.61 -17.41
C LEU A 28 -8.68 8.91 -16.66
N LEU A 29 -7.68 9.44 -17.36
CA LEU A 29 -6.40 9.83 -16.78
C LEU A 29 -6.30 11.36 -16.84
N PRO A 30 -6.85 12.06 -15.82
CA PRO A 30 -6.94 13.53 -15.81
C PRO A 30 -5.65 14.24 -16.18
N ALA A 31 -4.48 13.63 -15.93
CA ALA A 31 -3.21 14.31 -16.22
C ALA A 31 -2.75 14.21 -17.67
N TYR A 32 -3.37 13.35 -18.48
CA TYR A 32 -2.99 13.16 -19.89
C TYR A 32 -4.04 13.65 -20.84
N PRO A 33 -3.62 14.41 -21.86
CA PRO A 33 -4.56 14.88 -22.86
C PRO A 33 -5.10 13.77 -23.74
N LYS A 34 -6.38 13.85 -24.04
CA LYS A 34 -7.06 12.94 -24.96
C LYS A 34 -6.42 12.97 -26.33
N GLU A 35 -6.02 14.17 -26.75
CA GLU A 35 -5.46 14.43 -28.08
C GLU A 35 -4.43 15.54 -27.92
N LEU A 36 -3.49 15.63 -28.87
CA LEU A 36 -2.49 16.69 -28.84
C LEU A 36 -3.20 18.04 -28.79
N ASN A 37 -2.74 18.90 -27.88
CA ASN A 37 -3.32 20.23 -27.63
C ASN A 37 -4.76 20.24 -27.11
N SER A 38 -5.24 19.11 -26.60
CA SER A 38 -6.54 19.08 -25.95
C SER A 38 -6.30 19.18 -24.45
N THR A 39 -7.29 19.70 -23.74
CA THR A 39 -7.27 19.69 -22.27
C THR A 39 -8.26 18.64 -21.76
N GLN A 40 -8.95 17.95 -22.67
CA GLN A 40 -9.85 16.85 -22.33
C GLN A 40 -9.03 15.67 -21.81
N PRO A 41 -9.49 14.99 -20.74
CA PRO A 41 -8.66 13.89 -20.22
C PRO A 41 -8.68 12.66 -21.12
N PHE A 42 -7.54 11.96 -21.17
CA PHE A 42 -7.42 10.71 -21.91
C PHE A 42 -8.34 9.66 -21.33
N GLN A 43 -9.01 8.96 -22.22
CA GLN A 43 -9.91 7.90 -21.77
C GLN A 43 -9.31 6.56 -22.11
N LEU A 44 -8.94 5.81 -21.07
CA LEU A 44 -8.24 4.56 -21.28
C LEU A 44 -9.26 3.44 -21.36
N LEU A 45 -9.99 3.21 -20.27
CA LEU A 45 -11.08 2.25 -20.28
C LEU A 45 -12.37 3.00 -20.62
N GLU A 46 -13.24 2.33 -21.36
CA GLU A 46 -14.44 2.96 -21.91
C GLU A 46 -15.52 1.94 -22.18
N THR A 47 -16.77 2.29 -21.88
CA THR A 47 -17.95 1.50 -22.24
C THR A 47 -18.93 2.45 -22.96
N SER A 48 -19.05 2.23 -24.27
CA SER A 48 -19.93 3.03 -25.14
C SER A 48 -20.53 2.16 -26.26
N PRO A 49 -21.63 2.63 -26.91
CA PRO A 49 -22.20 1.86 -28.03
C PRO A 49 -21.23 1.52 -29.18
N GLN A 50 -20.19 2.32 -29.34
CA GLN A 50 -19.20 2.15 -30.41
C GLN A 50 -17.96 1.29 -30.04
N PHE A 51 -17.67 1.20 -28.75
CA PHE A 51 -16.38 0.70 -28.28
C PHE A 51 -16.50 0.23 -26.85
N ILE A 52 -15.83 -0.89 -26.56
CA ILE A 52 -15.75 -1.40 -25.18
C ILE A 52 -14.28 -1.67 -24.82
N TYR A 53 -13.89 -1.32 -23.61
CA TYR A 53 -12.53 -1.62 -23.13
C TYR A 53 -12.68 -1.53 -21.63
N GLN A 54 -12.82 -2.70 -21.00
CA GLN A 54 -13.18 -2.79 -19.58
C GLN A 54 -12.16 -3.66 -18.84
N ALA A 55 -11.98 -3.36 -17.56
CA ALA A 55 -11.18 -4.19 -16.66
C ALA A 55 -12.12 -4.94 -15.71
N GLN A 56 -12.30 -6.23 -15.97
CA GLN A 56 -13.24 -7.02 -15.21
C GLN A 56 -12.51 -7.86 -14.18
N SER A 57 -13.19 -8.16 -13.08
CA SER A 57 -12.59 -9.02 -12.03
C SER A 57 -13.62 -9.61 -11.10
N GLY A 58 -13.23 -10.64 -10.35
CA GLY A 58 -14.16 -11.24 -9.41
C GLY A 58 -13.63 -12.53 -8.87
N LEU A 59 -14.56 -13.28 -8.28
CA LEU A 59 -14.27 -14.54 -7.64
C LEU A 59 -15.00 -15.61 -8.39
N THR A 60 -14.26 -16.51 -8.98
CA THR A 60 -14.85 -17.62 -9.66
C THR A 60 -14.44 -18.91 -8.95
N GLY A 61 -14.30 -20.00 -9.69
CA GLY A 61 -14.14 -21.29 -9.03
C GLY A 61 -15.48 -21.80 -8.55
N ARG A 62 -15.48 -22.99 -7.98
CA ARG A 62 -16.74 -23.66 -7.64
C ARG A 62 -17.73 -22.79 -6.87
N ASP A 63 -17.23 -22.03 -5.90
CA ASP A 63 -18.07 -21.27 -4.98
C ASP A 63 -17.96 -19.73 -5.11
N GLY A 64 -17.25 -19.26 -6.13
CA GLY A 64 -17.13 -17.83 -6.40
C GLY A 64 -18.41 -17.25 -6.91
N PRO A 65 -18.93 -16.18 -6.27
CA PRO A 65 -20.18 -15.57 -6.71
C PRO A 65 -20.19 -15.07 -8.16
N ASP A 66 -19.03 -14.69 -8.72
CA ASP A 66 -18.92 -14.25 -10.12
C ASP A 66 -18.93 -15.39 -11.14
N ASN A 67 -18.87 -16.62 -10.66
CA ASN A 67 -19.07 -17.78 -11.54
C ASN A 67 -20.55 -17.77 -11.99
N PRO A 68 -20.82 -17.67 -13.31
CA PRO A 68 -22.22 -17.47 -13.69
C PRO A 68 -23.15 -18.64 -13.35
N ALA A 69 -22.58 -19.82 -13.07
CA ALA A 69 -23.37 -20.94 -12.55
C ALA A 69 -23.90 -20.72 -11.13
N ASN A 70 -23.34 -19.75 -10.39
CA ASN A 70 -23.72 -19.54 -8.99
C ASN A 70 -24.85 -18.55 -8.79
N GLY A 71 -25.21 -17.87 -9.88
CA GLY A 71 -26.37 -17.00 -9.89
C GLY A 71 -25.93 -15.71 -10.56
N PRO A 72 -26.72 -14.63 -10.40
CA PRO A 72 -26.40 -13.34 -11.05
C PRO A 72 -25.05 -12.80 -10.51
N ARG A 73 -24.31 -12.04 -11.33
CA ARG A 73 -23.09 -11.34 -10.82
C ARG A 73 -23.53 -10.72 -9.50
N PRO A 74 -22.70 -10.85 -8.45
CA PRO A 74 -23.06 -10.30 -7.14
C PRO A 74 -23.27 -8.77 -7.20
N LEU A 75 -24.38 -8.30 -6.65
CA LEU A 75 -24.58 -6.86 -6.55
C LEU A 75 -24.02 -6.50 -5.17
N TYR A 76 -22.89 -5.79 -5.17
CA TYR A 76 -22.26 -5.41 -3.93
C TYR A 76 -22.94 -4.19 -3.31
N ASN A 77 -23.00 -4.18 -1.98
CA ASN A 77 -23.38 -2.99 -1.23
C ASN A 77 -22.19 -2.05 -1.02
N VAL A 78 -22.45 -0.74 -1.13
CA VAL A 78 -21.42 0.27 -0.84
C VAL A 78 -21.92 1.33 0.16
N GLU A 79 -20.97 2.03 0.78
CA GLU A 79 -21.29 3.08 1.77
C GLU A 79 -21.80 4.36 1.08
N LYS A 80 -21.31 4.62 -0.11
CA LYS A 80 -21.62 5.85 -0.84
C LYS A 80 -21.46 5.66 -2.34
N ASP A 81 -21.91 6.64 -3.11
CA ASP A 81 -21.90 6.53 -4.56
C ASP A 81 -20.71 7.21 -5.20
N ALA A 82 -19.99 8.02 -4.43
CA ALA A 82 -18.87 8.79 -4.94
C ALA A 82 -17.70 8.83 -3.95
N TYR A 83 -16.56 8.34 -4.40
CA TYR A 83 -15.34 8.25 -3.60
C TYR A 83 -14.29 9.21 -4.15
N VAL A 84 -13.78 10.08 -3.30
CA VAL A 84 -12.73 11.02 -3.72
C VAL A 84 -11.62 11.03 -2.71
N LEU A 85 -10.40 10.91 -3.23
CA LEU A 85 -9.20 11.03 -2.42
C LEU A 85 -9.20 12.38 -1.70
N ALA A 86 -9.13 12.34 -0.38
CA ALA A 86 -9.10 13.55 0.46
C ALA A 86 -7.71 14.22 0.42
N GLU A 87 -7.67 15.54 0.62
CA GLU A 87 -6.39 16.31 0.61
C GLU A 87 -5.37 15.84 1.64
N GLY A 88 -5.89 15.40 2.80
CA GLY A 88 -5.10 14.86 3.90
C GLY A 88 -5.13 13.33 3.96
N GLN A 89 -5.08 12.70 2.80
CA GLN A 89 -5.01 11.24 2.70
C GLN A 89 -4.12 10.80 1.54
N ASN A 90 -3.37 9.73 1.76
CA ASN A 90 -2.47 9.13 0.76
C ASN A 90 -3.13 7.98 -0.03
N GLU A 91 -4.18 7.44 0.58
CA GLU A 91 -4.84 6.25 0.09
C GLU A 91 -6.35 6.47 0.07
N LEU A 92 -7.02 5.80 -0.86
CA LEU A 92 -8.47 5.82 -0.95
C LEU A 92 -8.91 4.38 -1.02
N GLN A 93 -9.75 3.95 -0.08
CA GLN A 93 -10.26 2.60 -0.13
C GLN A 93 -11.74 2.59 -0.47
N VAL A 94 -12.11 1.63 -1.31
CA VAL A 94 -13.47 1.50 -1.80
C VAL A 94 -13.93 0.07 -1.52
N PRO A 95 -14.41 -0.20 -0.30
CA PRO A 95 -14.89 -1.53 0.03
C PRO A 95 -16.35 -1.75 -0.35
N MSE A 96 -16.62 -2.90 -0.94
CA MSE A 96 -17.99 -3.31 -1.26
C MSE A 96 -18.26 -4.73 -0.81
O MSE A 96 -17.40 -5.60 -0.86
CB MSE A 96 -18.31 -3.09 -2.74
CG MSE A 96 -17.33 -3.70 -3.72
SE MSE A 96 -17.53 -2.99 -5.57
CE MSE A 96 -16.60 -1.35 -5.34
N THR A 97 -19.48 -4.96 -0.33
CA THR A 97 -19.80 -6.19 0.38
C THR A 97 -21.01 -6.86 -0.26
N TYR A 98 -20.95 -8.18 -0.33
CA TYR A 98 -22.00 -8.99 -0.87
C TYR A 98 -22.20 -10.20 0.04
N THR A 99 -23.44 -10.49 0.38
CA THR A 99 -23.76 -11.71 1.15
C THR A 99 -24.53 -12.65 0.24
N ASP A 100 -24.10 -13.90 0.17
CA ASP A 100 -24.83 -14.86 -0.64
C ASP A 100 -26.06 -15.45 0.10
N ALA A 101 -26.75 -16.36 -0.59
CA ALA A 101 -27.91 -17.08 -0.06
C ALA A 101 -27.61 -17.80 1.27
N ALA A 102 -26.43 -18.42 1.33
CA ALA A 102 -25.99 -19.20 2.48
C ALA A 102 -25.46 -18.37 3.66
N GLY A 103 -25.31 -17.06 3.46
CA GLY A 103 -24.86 -16.23 4.55
C GLY A 103 -23.38 -15.92 4.52
N ASN A 104 -22.69 -16.42 3.49
CA ASN A 104 -21.26 -16.13 3.34
C ASN A 104 -21.05 -14.68 2.92
N THR A 105 -19.97 -14.05 3.42
CA THR A 105 -19.67 -12.65 3.14
C THR A 105 -18.42 -12.49 2.26
N PHE A 106 -18.61 -11.74 1.18
CA PHE A 106 -17.58 -11.47 0.18
C PHE A 106 -17.35 -9.98 0.12
N THR A 107 -16.15 -9.54 0.50
CA THR A 107 -15.80 -8.15 0.44
C THR A 107 -14.76 -7.93 -0.66
N LYS A 108 -15.05 -7.00 -1.55
CA LYS A 108 -14.12 -6.61 -2.62
C LYS A 108 -13.72 -5.17 -2.38
N THR A 109 -12.42 -4.93 -2.34
CA THR A 109 -11.92 -3.57 -2.03
C THR A 109 -10.98 -3.10 -3.09
N PHE A 110 -11.25 -1.92 -3.65
CA PHE A 110 -10.30 -1.23 -4.48
C PHE A 110 -9.46 -0.32 -3.61
N VAL A 111 -8.14 -0.35 -3.81
CA VAL A 111 -7.26 0.56 -3.07
C VAL A 111 -6.44 1.40 -4.03
N LEU A 112 -6.65 2.70 -3.96
CA LEU A 112 -5.94 3.61 -4.83
C LEU A 112 -5.07 4.51 -3.98
N LYS A 113 -3.97 4.95 -4.55
CA LYS A 113 -3.03 5.83 -3.86
C LYS A 113 -2.79 7.08 -4.69
N ARG A 114 -2.46 8.17 -3.99
CA ARG A 114 -2.14 9.45 -4.60
C ARG A 114 -1.00 9.32 -5.60
N GLY A 115 -1.24 9.79 -6.83
CA GLY A 115 -0.24 9.75 -7.92
C GLY A 115 -0.01 8.40 -8.56
N ASP A 116 -0.73 7.37 -8.11
CA ASP A 116 -0.45 5.97 -8.48
C ASP A 116 -1.46 5.40 -9.50
N TYR A 117 -0.96 4.73 -10.52
CA TYR A 117 -1.78 4.06 -11.54
C TYR A 117 -2.00 2.56 -11.27
N ALA A 118 -1.35 2.05 -10.23
CA ALA A 118 -1.58 0.70 -9.76
C ALA A 118 -2.77 0.72 -8.79
N VAL A 119 -3.84 0.00 -9.15
CA VAL A 119 -4.98 -0.09 -8.26
C VAL A 119 -5.03 -1.48 -7.63
N ASN A 120 -4.93 -1.58 -6.30
CA ASN A 120 -5.10 -2.89 -5.66
C ASN A 120 -6.57 -3.32 -5.68
N VAL A 121 -6.80 -4.58 -6.01
CA VAL A 121 -8.11 -5.17 -5.96
C VAL A 121 -8.03 -6.44 -5.10
N ASN A 122 -8.58 -6.34 -3.90
CA ASN A 122 -8.36 -7.38 -2.90
C ASN A 122 -9.70 -7.88 -2.40
N TYR A 123 -9.76 -9.14 -2.00
CA TYR A 123 -10.99 -9.77 -1.54
C TYR A 123 -10.80 -10.37 -0.16
N ASN A 124 -11.91 -10.44 0.56
CA ASN A 124 -11.99 -11.19 1.80
C ASN A 124 -13.24 -12.05 1.70
N VAL A 125 -13.10 -13.32 2.02
CA VAL A 125 -14.20 -14.28 1.99
C VAL A 125 -14.42 -14.85 3.40
N GLN A 126 -15.59 -14.60 3.98
CA GLN A 126 -15.95 -15.22 5.25
C GLN A 126 -16.91 -16.39 5.04
N ASN A 127 -16.49 -17.59 5.39
CA ASN A 127 -17.31 -18.78 5.18
C ASN A 127 -18.23 -19.01 6.39
N ALA A 128 -19.53 -18.78 6.21
CA ALA A 128 -20.48 -18.98 7.31
C ALA A 128 -21.17 -20.34 7.27
N GLY A 129 -20.81 -21.17 6.28
CA GLY A 129 -21.50 -22.44 6.08
C GLY A 129 -20.78 -23.66 6.59
N GLU A 130 -21.17 -24.83 6.05
CA GLU A 130 -20.68 -26.10 6.59
C GLU A 130 -19.71 -26.84 5.67
N LYS A 131 -19.60 -26.38 4.44
CA LYS A 131 -18.72 -26.99 3.45
C LYS A 131 -17.57 -26.02 3.17
N PRO A 132 -16.38 -26.54 2.82
CA PRO A 132 -15.35 -25.61 2.39
C PRO A 132 -15.79 -24.87 1.12
N LEU A 133 -15.36 -23.62 0.99
CA LEU A 133 -15.63 -22.82 -0.21
C LEU A 133 -14.39 -22.79 -1.09
N GLU A 134 -14.55 -23.23 -2.33
CA GLU A 134 -13.42 -23.29 -3.23
C GLU A 134 -13.53 -22.05 -4.12
N ILE A 135 -12.50 -21.21 -4.08
CA ILE A 135 -12.57 -19.90 -4.73
C ILE A 135 -11.29 -19.61 -5.51
N SER A 136 -11.49 -19.15 -6.76
CA SER A 136 -10.39 -18.57 -7.58
C SER A 136 -10.70 -17.12 -7.88
N SER A 137 -9.70 -16.25 -7.81
CA SER A 137 -9.93 -14.90 -8.33
C SER A 137 -9.60 -14.89 -9.80
N PHE A 138 -10.16 -13.91 -10.51
CA PHE A 138 -9.88 -13.74 -11.94
C PHE A 138 -9.76 -12.23 -12.21
N GLY A 139 -9.04 -11.89 -13.25
CA GLY A 139 -9.03 -10.53 -13.81
C GLY A 139 -9.03 -10.70 -15.31
N GLN A 140 -9.91 -9.98 -15.99
CA GLN A 140 -10.00 -10.06 -17.44
C GLN A 140 -9.99 -8.64 -18.03
N LEU A 141 -9.28 -8.45 -19.16
CA LEU A 141 -9.29 -7.21 -19.91
C LEU A 141 -10.01 -7.56 -21.18
N LYS A 142 -11.14 -6.91 -21.48
CA LYS A 142 -11.84 -7.16 -22.75
C LYS A 142 -11.91 -5.85 -23.58
N GLN A 143 -11.79 -5.96 -24.91
CA GLN A 143 -11.73 -4.78 -25.75
C GLN A 143 -12.17 -5.09 -27.17
N SER A 144 -12.86 -4.13 -27.79
CA SER A 144 -13.22 -4.23 -29.20
C SER A 144 -11.95 -4.41 -30.02
N ILE A 145 -11.94 -5.38 -30.92
CA ILE A 145 -10.78 -5.70 -31.75
C ILE A 145 -10.46 -4.56 -32.76
N THR A 146 -11.49 -4.00 -33.35
CA THR A 146 -11.31 -2.87 -34.27
C THR A 146 -11.76 -1.57 -33.60
N LEU A 147 -10.92 -0.54 -33.67
CA LEU A 147 -11.18 0.77 -33.07
C LEU A 147 -12.33 1.55 -33.74
N PRO A 148 -13.10 2.33 -32.96
CA PRO A 148 -14.13 3.24 -33.51
C PRO A 148 -13.52 4.34 -34.38
N THR A 162 3.88 1.38 -30.84
CA THR A 162 2.77 1.36 -31.78
C THR A 162 1.90 0.10 -31.73
N PHE A 163 2.47 -1.02 -31.28
CA PHE A 163 1.71 -2.28 -31.18
C PHE A 163 0.45 -2.11 -30.31
N ARG A 164 -0.70 -2.43 -30.90
CA ARG A 164 -1.96 -2.54 -30.18
C ARG A 164 -2.43 -3.99 -30.13
N GLY A 165 -2.56 -4.53 -28.92
CA GLY A 165 -2.92 -5.94 -28.79
C GLY A 165 -2.71 -6.34 -27.34
N ALA A 166 -2.43 -7.61 -27.12
CA ALA A 166 -2.27 -8.10 -25.74
C ALA A 166 -0.85 -8.58 -25.53
N ALA A 167 -0.53 -8.78 -24.27
CA ALA A 167 0.77 -9.32 -23.87
C ALA A 167 0.61 -10.07 -22.55
N TYR A 168 1.61 -10.88 -22.26
CA TYR A 168 1.67 -11.52 -20.96
C TYR A 168 3.11 -11.83 -20.60
N SER A 169 3.28 -12.27 -19.36
CA SER A 169 4.58 -12.63 -18.80
C SER A 169 4.43 -13.78 -17.84
N THR A 170 5.41 -14.69 -17.88
CA THR A 170 5.56 -15.71 -16.87
C THR A 170 7.03 -15.64 -16.44
N PRO A 171 7.37 -16.19 -15.25
CA PRO A 171 8.78 -16.17 -14.79
C PRO A 171 9.77 -16.73 -15.83
N ASP A 172 9.32 -17.71 -16.59
CA ASP A 172 10.11 -18.37 -17.63
C ASP A 172 10.20 -17.60 -18.93
N GLU A 173 9.04 -17.17 -19.43
CA GLU A 173 8.98 -16.52 -20.75
C GLU A 173 9.21 -15.00 -20.73
N LYS A 174 8.91 -14.38 -19.59
CA LYS A 174 9.19 -12.97 -19.32
C LYS A 174 8.41 -11.95 -20.11
N TYR A 175 8.24 -12.18 -21.42
CA TYR A 175 7.47 -11.25 -22.25
C TYR A 175 6.96 -11.95 -23.47
N GLU A 176 5.68 -11.74 -23.76
CA GLU A 176 5.13 -12.32 -24.97
C GLU A 176 3.98 -11.47 -25.45
N LYS A 177 3.94 -11.21 -26.75
CA LYS A 177 2.77 -10.52 -27.32
C LYS A 177 1.76 -11.55 -27.78
N TYR A 178 0.51 -11.13 -27.82
CA TYR A 178 -0.52 -11.99 -28.34
C TYR A 178 -1.40 -11.10 -29.19
N LYS A 179 -1.45 -11.36 -30.50
CA LYS A 179 -2.15 -10.44 -31.43
C LYS A 179 -3.65 -10.58 -31.40
N PHE A 180 -4.33 -9.46 -31.54
CA PHE A 180 -5.80 -9.48 -31.59
C PHE A 180 -6.29 -10.32 -32.80
N ASP A 181 -5.53 -10.32 -33.89
CA ASP A 181 -5.88 -11.11 -35.09
C ASP A 181 -5.88 -12.61 -34.79
N THR A 182 -4.99 -13.03 -33.90
CA THR A 182 -4.86 -14.44 -33.54
C THR A 182 -6.12 -14.83 -32.74
N ILE A 183 -6.48 -13.97 -31.80
CA ILE A 183 -7.70 -14.16 -31.00
C ILE A 183 -8.91 -14.20 -31.92
N ALA A 184 -8.98 -13.29 -32.91
CA ALA A 184 -10.11 -13.25 -33.85
C ALA A 184 -10.20 -14.54 -34.70
N ASP A 185 -9.07 -15.21 -34.89
CA ASP A 185 -8.98 -16.48 -35.63
C ASP A 185 -9.29 -17.67 -34.73
N ASN A 186 -9.69 -17.38 -33.48
CA ASN A 186 -10.02 -18.41 -32.49
C ASN A 186 -8.89 -19.35 -32.13
N GLU A 187 -7.67 -18.84 -32.15
CA GLU A 187 -6.49 -19.55 -31.62
C GLU A 187 -6.11 -18.80 -30.37
N ASN A 188 -6.39 -19.39 -29.21
CA ASN A 188 -6.27 -18.68 -27.95
C ASN A 188 -5.20 -19.23 -27.03
N LEU A 189 -4.77 -18.39 -26.12
CA LEU A 189 -3.80 -18.76 -25.10
C LEU A 189 -4.44 -19.60 -24.00
N ASN A 190 -3.65 -20.51 -23.42
CA ASN A 190 -4.06 -21.30 -22.27
C ASN A 190 -2.78 -21.85 -21.63
N ILE A 191 -2.14 -21.03 -20.82
CA ILE A 191 -0.89 -21.44 -20.17
C ILE A 191 -1.00 -21.27 -18.68
N SER A 192 -0.24 -22.06 -17.92
CA SER A 192 -0.30 -21.93 -16.47
C SER A 192 1.07 -21.72 -15.91
N SER A 193 1.17 -20.82 -14.95
CA SER A 193 2.45 -20.55 -14.32
C SER A 193 2.28 -19.91 -12.95
N LYS A 194 3.25 -20.13 -12.06
CA LYS A 194 3.33 -19.27 -10.88
C LYS A 194 3.66 -17.87 -11.34
N GLY A 195 3.23 -16.89 -10.55
CA GLY A 195 3.47 -15.45 -10.79
C GLY A 195 2.89 -15.02 -12.14
N GLY A 196 3.49 -14.03 -12.78
CA GLY A 196 3.05 -13.60 -14.12
C GLY A 196 1.99 -12.51 -14.14
N TRP A 197 1.65 -12.07 -15.34
CA TRP A 197 0.64 -11.02 -15.51
C TRP A 197 0.12 -11.06 -16.94
N VAL A 198 -1.01 -10.42 -17.16
CA VAL A 198 -1.54 -10.22 -18.52
C VAL A 198 -1.85 -8.74 -18.73
N ALA A 199 -1.82 -8.33 -20.00
CA ALA A 199 -1.97 -6.92 -20.33
C ALA A 199 -2.60 -6.69 -21.69
N MSE A 200 -3.13 -5.48 -21.86
CA MSE A 200 -3.50 -4.97 -23.18
C MSE A 200 -2.73 -3.69 -23.40
O MSE A 200 -2.56 -2.88 -22.51
CB MSE A 200 -5.00 -4.77 -23.27
CG MSE A 200 -5.74 -6.09 -23.43
SE MSE A 200 -7.61 -5.85 -23.85
CE MSE A 200 -8.03 -7.63 -24.54
N LEU A 201 -2.19 -3.57 -24.61
CA LEU A 201 -1.20 -2.53 -24.92
C LEU A 201 -1.71 -1.59 -25.98
N GLN A 202 -1.21 -0.36 -25.89
CA GLN A 202 -1.31 0.62 -26.98
C GLN A 202 -0.15 1.60 -26.81
N GLN A 203 0.02 2.53 -27.75
CA GLN A 203 1.09 3.51 -27.62
C GLN A 203 0.93 4.29 -26.30
N TYR A 204 1.98 4.24 -25.46
CA TYR A 204 2.10 4.99 -24.19
C TYR A 204 1.29 4.51 -22.98
N PHE A 205 0.31 3.65 -23.19
CA PHE A 205 -0.52 3.19 -22.06
C PHE A 205 -0.69 1.68 -22.08
N ALA A 206 -0.85 1.11 -20.88
CA ALA A 206 -1.22 -0.29 -20.73
C ALA A 206 -2.26 -0.51 -19.64
N THR A 207 -3.05 -1.55 -19.77
CA THR A 207 -3.82 -2.05 -18.65
C THR A 207 -3.25 -3.46 -18.37
N ALA A 208 -3.20 -3.88 -17.12
CA ALA A 208 -2.68 -5.21 -16.85
C ALA A 208 -3.31 -5.72 -15.57
N TRP A 209 -3.56 -7.03 -15.52
CA TRP A 209 -3.93 -7.67 -14.27
C TRP A 209 -2.72 -8.44 -13.75
N ILE A 210 -2.43 -8.26 -12.47
CA ILE A 210 -1.31 -8.95 -11.84
C ILE A 210 -1.80 -9.68 -10.58
N PRO A 211 -1.89 -11.02 -10.65
CA PRO A 211 -2.27 -11.74 -9.42
C PRO A 211 -1.16 -11.72 -8.38
N HIS A 212 -1.53 -11.71 -7.10
CA HIS A 212 -0.56 -11.81 -6.02
C HIS A 212 -0.93 -13.01 -5.17
N ASN A 213 -0.41 -14.16 -5.55
CA ASN A 213 -0.68 -15.36 -4.78
C ASN A 213 0.49 -16.32 -4.93
N ASP A 214 0.42 -17.45 -4.23
CA ASP A 214 1.54 -18.40 -4.26
C ASP A 214 1.24 -19.65 -5.07
N GLY A 215 0.11 -19.61 -5.79
CA GLY A 215 -0.38 -20.72 -6.59
C GLY A 215 0.01 -20.65 -8.07
N THR A 216 -0.42 -21.64 -8.83
CA THR A 216 -0.22 -21.66 -10.28
C THR A 216 -1.43 -20.98 -10.97
N ASN A 217 -1.18 -19.82 -11.54
CA ASN A 217 -2.19 -19.06 -12.27
C ASN A 217 -2.43 -19.62 -13.66
N ASN A 218 -3.65 -19.40 -14.18
CA ASN A 218 -3.95 -19.81 -15.55
C ASN A 218 -4.17 -18.51 -16.31
N PHE A 219 -3.45 -18.38 -17.40
CA PHE A 219 -3.60 -17.19 -18.24
C PHE A 219 -4.20 -17.63 -19.56
N TYR A 220 -5.11 -16.82 -20.09
CA TYR A 220 -5.88 -17.26 -21.28
C TYR A 220 -6.27 -16.03 -22.10
N THR A 221 -6.60 -16.27 -23.36
CA THR A 221 -7.30 -15.28 -24.14
C THR A 221 -8.63 -15.93 -24.58
N ALA A 222 -9.56 -15.10 -25.00
CA ALA A 222 -10.83 -15.57 -25.54
C ALA A 222 -11.34 -14.60 -26.60
N ASN A 223 -11.99 -15.19 -27.61
CA ASN A 223 -12.81 -14.43 -28.56
C ASN A 223 -14.24 -14.45 -28.01
N LEU A 224 -14.70 -13.29 -27.50
CA LEU A 224 -16.00 -13.22 -26.78
C LEU A 224 -17.19 -12.97 -27.72
N GLY A 225 -16.89 -12.90 -29.01
CA GLY A 225 -17.93 -12.67 -30.01
C GLY A 225 -18.09 -11.20 -30.25
N ASN A 226 -18.78 -10.87 -31.34
CA ASN A 226 -19.01 -9.48 -31.74
C ASN A 226 -17.74 -8.64 -31.77
N GLY A 227 -16.63 -9.24 -32.20
CA GLY A 227 -15.40 -8.48 -32.39
C GLY A 227 -14.74 -8.04 -31.09
N ILE A 228 -15.03 -8.73 -30.00
CA ILE A 228 -14.45 -8.41 -28.68
C ILE A 228 -13.41 -9.47 -28.28
N ALA A 229 -12.20 -9.00 -27.96
CA ALA A 229 -11.12 -9.89 -27.51
C ALA A 229 -10.98 -9.77 -26.02
N ALA A 230 -10.46 -10.82 -25.38
CA ALA A 230 -10.18 -10.76 -23.95
C ALA A 230 -8.86 -11.47 -23.64
N ILE A 231 -8.20 -10.99 -22.61
CA ILE A 231 -7.08 -11.72 -21.98
C ILE A 231 -7.33 -11.68 -20.48
N GLY A 232 -6.96 -12.74 -19.77
CA GLY A 232 -7.24 -12.72 -18.34
C GLY A 232 -6.40 -13.73 -17.59
N TYR A 233 -6.56 -13.71 -16.28
CA TYR A 233 -5.98 -14.75 -15.42
C TYR A 233 -7.09 -15.34 -14.54
N LYS A 234 -6.90 -16.61 -14.18
CA LYS A 234 -7.72 -17.26 -13.15
C LYS A 234 -6.74 -17.89 -12.18
N SER A 235 -6.84 -17.57 -10.88
CA SER A 235 -5.87 -18.11 -9.91
C SER A 235 -6.15 -19.58 -9.60
N GLN A 236 -5.15 -20.28 -9.04
CA GLN A 236 -5.38 -21.61 -8.52
C GLN A 236 -6.41 -21.50 -7.39
N PRO A 237 -7.41 -22.37 -7.37
CA PRO A 237 -8.40 -22.22 -6.30
C PRO A 237 -7.83 -22.46 -4.89
N VAL A 238 -8.35 -21.71 -3.94
CA VAL A 238 -8.03 -21.95 -2.54
C VAL A 238 -9.30 -22.40 -1.82
N LEU A 239 -9.14 -23.10 -0.68
CA LEU A 239 -10.28 -23.53 0.12
C LEU A 239 -10.43 -22.62 1.31
N VAL A 240 -11.61 -22.05 1.51
CA VAL A 240 -11.85 -21.30 2.74
C VAL A 240 -12.68 -22.24 3.63
N GLN A 241 -12.12 -22.66 4.76
CA GLN A 241 -12.79 -23.63 5.64
C GLN A 241 -13.98 -23.01 6.40
N PRO A 242 -14.96 -23.84 6.84
CA PRO A 242 -16.11 -23.38 7.62
C PRO A 242 -15.66 -22.50 8.78
N GLY A 243 -16.28 -21.33 8.93
CA GLY A 243 -15.96 -20.37 10.01
C GLY A 243 -14.74 -19.51 9.74
N GLN A 244 -13.99 -19.84 8.69
CA GLN A 244 -12.71 -19.15 8.41
C GLN A 244 -12.89 -17.99 7.43
N THR A 245 -11.91 -17.09 7.41
CA THR A 245 -11.88 -15.99 6.46
C THR A 245 -10.69 -16.22 5.54
N GLY A 246 -10.86 -15.94 4.25
CA GLY A 246 -9.78 -16.08 3.29
C GLY A 246 -9.54 -14.79 2.58
N ALA A 247 -8.34 -14.60 2.02
CA ALA A 247 -8.05 -13.33 1.33
C ALA A 247 -7.34 -13.61 0.02
N MSE A 248 -7.60 -12.77 -0.96
CA MSE A 248 -7.06 -12.92 -2.32
C MSE A 248 -6.71 -11.51 -2.77
O MSE A 248 -7.50 -10.58 -2.57
CB MSE A 248 -8.11 -13.53 -3.27
CG MSE A 248 -8.65 -14.91 -2.88
SE MSE A 248 -10.24 -14.74 -1.68
CE MSE A 248 -10.31 -16.64 -1.12
N ASN A 249 -5.55 -11.35 -3.40
CA ASN A 249 -5.03 -10.02 -3.74
C ASN A 249 -4.61 -9.99 -5.20
N SER A 250 -4.79 -8.85 -5.84
CA SER A 250 -4.38 -8.64 -7.24
C SER A 250 -4.19 -7.14 -7.41
N THR A 251 -3.53 -6.77 -8.50
CA THR A 251 -3.36 -5.36 -8.90
C THR A 251 -3.79 -5.16 -10.35
N LEU A 252 -4.52 -4.06 -10.56
CA LEU A 252 -4.80 -3.57 -11.91
C LEU A 252 -3.91 -2.37 -12.18
N TRP A 253 -3.07 -2.48 -13.20
CA TRP A 253 -2.34 -1.32 -13.71
C TRP A 253 -3.23 -0.69 -14.74
N VAL A 254 -3.45 0.62 -14.65
CA VAL A 254 -4.22 1.30 -15.67
C VAL A 254 -3.62 2.70 -15.88
N GLY A 255 -2.75 2.81 -16.85
CA GLY A 255 -2.07 4.09 -17.12
C GLY A 255 -0.76 3.98 -17.86
N PRO A 256 0.06 5.05 -17.78
CA PRO A 256 1.27 5.15 -18.57
C PRO A 256 2.38 4.34 -17.90
N GLU A 257 3.59 4.34 -18.49
CA GLU A 257 4.74 3.74 -17.87
C GLU A 257 5.25 4.62 -16.72
N ILE A 258 5.31 4.01 -15.53
CA ILE A 258 6.04 4.58 -14.41
C ILE A 258 6.95 3.47 -13.89
N GLN A 259 8.22 3.53 -14.30
CA GLN A 259 9.14 2.41 -14.10
C GLN A 259 9.18 1.95 -12.64
N ASP A 260 9.38 2.89 -11.73
CA ASP A 260 9.54 2.56 -10.30
C ASP A 260 8.32 1.85 -9.68
N LYS A 261 7.15 2.41 -9.90
CA LYS A 261 5.91 1.81 -9.39
C LYS A 261 5.67 0.42 -10.01
N MSE A 262 5.77 0.31 -11.33
CA MSE A 262 5.63 -0.96 -12.05
C MSE A 262 6.57 -2.07 -11.60
O MSE A 262 6.14 -3.21 -11.48
CB MSE A 262 5.78 -0.77 -13.54
CG MSE A 262 4.55 -0.27 -14.26
SE MSE A 262 5.14 0.28 -16.04
CE MSE A 262 3.66 -0.22 -17.17
N ALA A 263 7.84 -1.75 -11.36
CA ALA A 263 8.80 -2.74 -10.91
C ALA A 263 8.38 -3.36 -9.56
N ALA A 264 7.82 -2.56 -8.66
CA ALA A 264 7.39 -3.08 -7.36
C ALA A 264 6.12 -3.94 -7.49
N VAL A 265 5.32 -3.70 -8.52
CA VAL A 265 4.09 -4.50 -8.73
C VAL A 265 4.43 -5.92 -9.26
N ALA A 266 5.20 -5.97 -10.35
CA ALA A 266 5.56 -7.26 -10.95
C ALA A 266 6.79 -7.14 -11.85
N PRO A 267 7.63 -8.17 -11.84
CA PRO A 267 8.78 -8.23 -12.77
C PRO A 267 8.35 -8.05 -14.22
N HIS A 268 9.02 -7.13 -14.93
CA HIS A 268 8.89 -6.95 -16.40
C HIS A 268 7.60 -6.28 -16.89
N LEU A 269 6.78 -5.80 -15.95
CA LEU A 269 5.58 -5.04 -16.27
C LEU A 269 5.98 -3.81 -17.09
N ASP A 270 7.15 -3.24 -16.80
CA ASP A 270 7.68 -2.12 -17.59
C ASP A 270 7.86 -2.40 -19.10
N LEU A 271 7.94 -3.67 -19.50
CA LEU A 271 8.09 -4.00 -20.92
C LEU A 271 6.83 -3.70 -21.78
N THR A 272 5.69 -3.47 -21.12
CA THR A 272 4.38 -3.23 -21.80
C THR A 272 4.32 -1.91 -22.57
N VAL A 273 5.18 -0.96 -22.19
CA VAL A 273 5.21 0.35 -22.81
C VAL A 273 6.68 0.50 -23.13
N ASP A 274 7.51 0.30 -22.09
CA ASP A 274 8.88 -0.25 -22.17
C ASP A 274 9.90 0.47 -21.30
N GLY B 1 1.91 6.03 33.79
CA GLY B 1 3.30 5.45 33.72
C GLY B 1 3.86 5.63 32.33
N GLN B 2 3.84 4.59 31.48
CA GLN B 2 4.51 3.28 31.63
C GLN B 2 4.01 2.39 30.52
N GLY B 3 2.70 2.17 30.42
CA GLY B 3 2.13 1.49 29.26
C GLY B 3 2.50 0.03 29.21
N LYS B 4 2.41 -0.58 28.03
CA LYS B 4 2.79 -1.98 27.89
C LYS B 4 3.43 -2.29 26.54
N LEU B 5 4.11 -3.43 26.47
CA LEU B 5 4.66 -3.90 25.20
C LEU B 5 3.70 -4.88 24.56
N ILE B 6 3.46 -4.70 23.26
CA ILE B 6 2.68 -5.62 22.47
C ILE B 6 3.58 -6.22 21.39
N SER B 7 3.24 -7.44 20.97
CA SER B 7 3.95 -8.14 19.88
C SER B 7 3.13 -8.00 18.61
N VAL B 8 3.81 -7.72 17.49
CA VAL B 8 3.14 -7.61 16.18
C VAL B 8 3.98 -8.42 15.19
N LYS B 9 3.38 -9.44 14.57
CA LYS B 9 4.14 -10.38 13.74
C LYS B 9 3.46 -10.64 12.42
N THR B 10 4.25 -10.56 11.35
CA THR B 10 3.83 -11.05 10.05
C THR B 10 4.85 -12.11 9.61
N ASP B 11 4.80 -12.49 8.34
CA ASP B 11 5.80 -13.42 7.79
C ASP B 11 7.22 -12.84 7.80
N VAL B 12 7.35 -11.53 7.64
CA VAL B 12 8.67 -10.89 7.54
C VAL B 12 9.08 -9.92 8.64
N LEU B 13 8.15 -9.53 9.52
CA LEU B 13 8.44 -8.65 10.64
C LEU B 13 7.97 -9.23 11.96
N ASP B 14 8.84 -9.14 12.97
CA ASP B 14 8.48 -9.45 14.36
C ASP B 14 8.81 -8.20 15.22
N LEU B 15 7.79 -7.40 15.50
CA LEU B 15 7.93 -6.08 16.11
C LEU B 15 7.50 -6.15 17.57
N THR B 16 8.17 -5.36 18.41
CA THR B 16 7.67 -5.06 19.76
C THR B 16 7.36 -3.58 19.80
N ILE B 17 6.12 -3.26 20.16
CA ILE B 17 5.65 -1.87 20.17
C ILE B 17 5.25 -1.48 21.59
N ASN B 18 5.71 -0.30 21.99
CA ASN B 18 5.34 0.21 23.32
C ASN B 18 4.11 1.08 23.20
N THR B 19 3.06 0.74 23.95
CA THR B 19 1.82 1.52 23.91
C THR B 19 1.92 2.93 24.53
N ARG B 20 3.02 3.21 25.23
CA ARG B 20 3.36 4.56 25.66
C ARG B 20 3.90 5.25 24.39
N GLY B 21 3.02 5.94 23.66
CA GLY B 21 3.42 6.71 22.49
C GLY B 21 3.30 5.94 21.18
N GLY B 22 3.33 4.61 21.24
CA GLY B 22 3.32 3.79 20.00
C GLY B 22 4.70 3.76 19.31
N ASP B 23 5.75 3.47 20.08
CA ASP B 23 7.12 3.39 19.57
C ASP B 23 7.52 1.95 19.24
N VAL B 24 8.26 1.77 18.15
CA VAL B 24 8.78 0.42 17.83
C VAL B 24 10.13 0.20 18.54
N GLU B 25 10.12 -0.65 19.57
CA GLU B 25 11.29 -0.87 20.44
C GLU B 25 12.19 -2.06 20.03
N GLN B 26 11.63 -2.98 19.25
CA GLN B 26 12.37 -4.11 18.71
C GLN B 26 11.81 -4.48 17.36
N ALA B 27 12.69 -4.90 16.45
CA ALA B 27 12.23 -5.42 15.16
C ALA B 27 13.18 -6.54 14.71
N LEU B 28 12.62 -7.74 14.65
CA LEU B 28 13.31 -8.87 14.05
C LEU B 28 12.85 -9.19 12.65
N LEU B 29 13.77 -9.74 11.86
CA LEU B 29 13.48 -10.00 10.47
C LEU B 29 13.60 -11.50 10.21
N PRO B 30 12.50 -12.27 10.38
CA PRO B 30 12.56 -13.74 10.20
C PRO B 30 13.13 -14.26 8.88
N ALA B 31 13.08 -13.49 7.79
CA ALA B 31 13.62 -13.96 6.52
C ALA B 31 15.15 -13.92 6.45
N TYR B 32 15.78 -13.26 7.41
CA TYR B 32 17.21 -13.03 7.46
C TYR B 32 17.86 -13.61 8.72
N PRO B 33 18.71 -14.62 8.55
CA PRO B 33 19.47 -15.11 9.70
C PRO B 33 20.43 -14.05 10.20
N LYS B 34 20.66 -14.00 11.51
CA LYS B 34 21.51 -12.96 12.04
C LYS B 34 22.99 -13.12 11.67
N GLU B 35 23.36 -14.34 11.26
CA GLU B 35 24.70 -14.67 10.74
C GLU B 35 24.61 -16.01 10.00
N LEU B 36 25.68 -16.40 9.31
CA LEU B 36 25.67 -17.61 8.48
C LEU B 36 25.20 -18.82 9.29
N ASN B 37 24.30 -19.60 8.70
CA ASN B 37 23.76 -20.86 9.27
C ASN B 37 23.03 -20.75 10.62
N SER B 38 22.73 -19.53 11.07
CA SER B 38 22.03 -19.31 12.33
C SER B 38 20.52 -19.39 12.12
N THR B 39 19.79 -19.92 13.10
CA THR B 39 18.33 -19.87 13.00
C THR B 39 17.78 -18.66 13.78
N GLN B 40 18.66 -17.81 14.32
CA GLN B 40 18.22 -16.60 15.05
C GLN B 40 17.92 -15.55 13.99
N PRO B 41 16.73 -14.92 14.05
CA PRO B 41 16.41 -13.90 13.07
C PRO B 41 17.24 -12.64 13.31
N PHE B 42 17.54 -11.94 12.22
CA PHE B 42 18.32 -10.72 12.27
C PHE B 42 17.56 -9.68 13.06
N GLN B 43 18.25 -9.00 13.96
CA GLN B 43 17.64 -7.95 14.78
C GLN B 43 18.06 -6.58 14.27
N LEU B 44 17.07 -5.78 13.89
CA LEU B 44 17.32 -4.45 13.35
C LEU B 44 17.10 -3.42 14.44
N LEU B 45 15.85 -3.15 14.79
CA LEU B 45 15.58 -2.32 15.97
C LEU B 45 15.75 -3.11 17.27
N GLU B 46 16.20 -2.44 18.32
CA GLU B 46 16.61 -3.10 19.57
C GLU B 46 16.57 -2.15 20.73
N THR B 47 16.12 -2.65 21.86
CA THR B 47 16.20 -1.90 23.10
C THR B 47 16.73 -2.86 24.16
N SER B 48 17.97 -2.62 24.56
CA SER B 48 18.67 -3.50 25.49
C SER B 48 19.59 -2.65 26.37
N PRO B 49 20.18 -3.28 27.42
CA PRO B 49 20.98 -2.49 28.36
C PRO B 49 22.13 -1.73 27.70
N GLN B 50 22.77 -2.32 26.71
CA GLN B 50 23.96 -1.72 26.10
C GLN B 50 23.75 -1.03 24.73
N PHE B 51 22.53 -1.08 24.20
CA PHE B 51 22.24 -0.58 22.85
C PHE B 51 20.78 -0.22 22.66
N ILE B 52 20.53 0.92 22.03
CA ILE B 52 19.17 1.31 21.67
C ILE B 52 19.09 1.70 20.20
N TYR B 53 18.00 1.30 19.55
CA TYR B 53 17.79 1.66 18.14
C TYR B 53 16.30 1.51 17.98
N GLN B 54 15.59 2.64 17.95
CA GLN B 54 14.14 2.64 18.00
C GLN B 54 13.51 3.51 16.92
N ALA B 55 12.29 3.15 16.52
CA ALA B 55 11.50 3.95 15.58
C ALA B 55 10.35 4.61 16.33
N GLN B 56 10.54 5.87 16.68
CA GLN B 56 9.52 6.54 17.50
C GLN B 56 8.62 7.38 16.61
N SER B 57 7.38 7.57 17.05
CA SER B 57 6.46 8.45 16.32
C SER B 57 5.39 8.97 17.25
N GLY B 58 4.79 10.08 16.84
CA GLY B 58 3.76 10.72 17.64
C GLY B 58 3.16 11.96 17.01
N LEU B 59 2.28 12.61 17.76
CA LEU B 59 1.69 13.88 17.36
C LEU B 59 2.20 14.92 18.32
N THR B 60 2.99 15.87 17.80
CA THR B 60 3.39 16.99 18.60
C THR B 60 2.68 18.24 18.08
N GLY B 61 3.35 19.41 18.14
CA GLY B 61 2.64 20.68 17.85
C GLY B 61 1.85 21.08 19.09
N ARG B 62 1.15 22.21 18.99
CA ARG B 62 0.52 22.81 20.16
C ARG B 62 -0.39 21.83 20.89
N ASP B 63 -1.18 21.08 20.15
CA ASP B 63 -2.21 20.23 20.71
C ASP B 63 -1.94 18.73 20.58
N GLY B 64 -0.71 18.39 20.17
CA GLY B 64 -0.37 16.98 20.05
C GLY B 64 -0.11 16.34 21.41
N PRO B 65 -0.73 15.17 21.69
CA PRO B 65 -0.50 14.55 23.01
C PRO B 65 0.95 14.12 23.27
N ASP B 66 1.75 13.89 22.22
CA ASP B 66 3.18 13.52 22.40
C ASP B 66 4.14 14.71 22.62
N ASN B 67 3.60 15.93 22.55
CA ASN B 67 4.31 17.13 22.97
C ASN B 67 4.48 17.03 24.50
N PRO B 68 5.72 16.94 25.01
CA PRO B 68 5.85 16.78 26.46
C PRO B 68 5.25 17.91 27.30
N ALA B 69 5.06 19.09 26.71
CA ALA B 69 4.36 20.17 27.40
C ALA B 69 2.88 19.87 27.66
N ASN B 70 2.32 18.89 26.94
CA ASN B 70 0.91 18.55 27.09
C ASN B 70 0.59 17.50 28.15
N GLY B 71 1.64 16.91 28.72
CA GLY B 71 1.49 15.90 29.76
C GLY B 71 2.43 14.73 29.43
N PRO B 72 2.27 13.60 30.12
CA PRO B 72 3.14 12.45 29.79
C PRO B 72 2.73 11.86 28.43
N ARG B 73 3.62 11.08 27.77
CA ARG B 73 3.26 10.51 26.43
C ARG B 73 1.95 9.76 26.63
N PRO B 74 1.05 9.82 25.64
CA PRO B 74 -0.20 9.13 25.68
C PRO B 74 -0.01 7.63 25.86
N LEU B 75 -0.81 7.07 26.74
CA LEU B 75 -0.84 5.64 26.88
C LEU B 75 -2.03 5.18 26.07
N TYR B 76 -1.79 4.40 25.03
CA TYR B 76 -2.89 3.98 24.18
C TYR B 76 -3.47 2.68 24.70
N ASN B 77 -4.78 2.59 24.62
CA ASN B 77 -5.51 1.34 24.83
C ASN B 77 -5.41 0.44 23.61
N VAL B 78 -5.11 -0.83 23.86
CA VAL B 78 -5.08 -1.85 22.81
C VAL B 78 -6.02 -2.99 23.16
N GLU B 79 -6.53 -3.67 22.13
CA GLU B 79 -7.43 -4.78 22.39
C GLU B 79 -6.73 -5.98 23.02
N LYS B 80 -5.48 -6.22 22.63
CA LYS B 80 -4.75 -7.40 23.06
C LYS B 80 -3.24 -7.20 23.07
N ASP B 81 -2.53 -8.24 23.49
CA ASP B 81 -1.08 -8.23 23.71
C ASP B 81 -0.28 -8.72 22.50
N ALA B 82 -0.95 -9.46 21.61
CA ALA B 82 -0.27 -10.05 20.46
C ALA B 82 -1.13 -9.97 19.22
N TYR B 83 -0.51 -9.53 18.13
CA TYR B 83 -1.19 -9.34 16.85
C TYR B 83 -0.40 -10.18 15.86
N VAL B 84 -1.06 -11.17 15.26
CA VAL B 84 -0.34 -12.08 14.38
C VAL B 84 -1.11 -12.20 13.07
N LEU B 85 -0.42 -11.97 11.96
CA LEU B 85 -1.03 -12.07 10.63
C LEU B 85 -1.55 -13.50 10.43
N ALA B 86 -2.85 -13.66 10.19
CA ALA B 86 -3.46 -14.98 10.01
C ALA B 86 -3.09 -15.59 8.66
N GLU B 87 -3.07 -16.91 8.57
CA GLU B 87 -2.69 -17.58 7.33
C GLU B 87 -3.54 -17.14 6.13
N GLY B 88 -4.83 -16.88 6.36
CA GLY B 88 -5.77 -16.49 5.29
C GLY B 88 -6.00 -14.99 5.24
N GLN B 89 -5.01 -14.23 5.70
CA GLN B 89 -5.05 -12.77 5.65
C GLN B 89 -3.78 -12.27 4.97
N ASN B 90 -3.86 -11.09 4.37
CA ASN B 90 -2.71 -10.48 3.70
C ASN B 90 -2.37 -9.12 4.30
N GLU B 91 -3.17 -8.69 5.25
CA GLU B 91 -2.93 -7.44 5.95
C GLU B 91 -3.25 -7.64 7.41
N LEU B 92 -2.50 -6.94 8.25
CA LEU B 92 -2.72 -6.90 9.68
C LEU B 92 -2.84 -5.46 10.13
N GLN B 93 -3.88 -5.15 10.89
CA GLN B 93 -4.02 -3.81 11.47
C GLN B 93 -3.89 -3.85 12.99
N VAL B 94 -3.22 -2.85 13.54
CA VAL B 94 -3.01 -2.77 14.98
C VAL B 94 -3.46 -1.37 15.46
N PRO B 95 -4.76 -1.20 15.78
CA PRO B 95 -5.28 0.07 16.22
C PRO B 95 -5.15 0.28 17.73
N MSE B 96 -4.83 1.50 18.11
CA MSE B 96 -4.72 1.83 19.53
C MSE B 96 -5.29 3.21 19.77
O MSE B 96 -5.19 4.09 18.92
CB MSE B 96 -3.29 1.66 20.04
CG MSE B 96 -2.25 2.54 19.37
SE MSE B 96 -0.44 1.96 19.88
CE MSE B 96 -0.34 0.35 18.82
N THR B 97 -5.96 3.39 20.91
CA THR B 97 -6.74 4.60 21.11
C THR B 97 -6.41 5.32 22.42
N TYR B 98 -6.41 6.65 22.33
CA TYR B 98 -6.11 7.54 23.44
C TYR B 98 -7.11 8.71 23.45
N THR B 99 -7.64 9.05 24.64
CA THR B 99 -8.54 10.20 24.76
C THR B 99 -7.86 11.21 25.70
N ASP B 100 -7.76 12.46 25.26
CA ASP B 100 -7.04 13.44 26.05
C ASP B 100 -7.93 13.96 27.19
N ALA B 101 -7.37 14.84 28.04
CA ALA B 101 -8.13 15.39 29.18
C ALA B 101 -9.42 16.06 28.73
N ALA B 102 -9.42 16.61 27.50
CA ALA B 102 -10.56 17.33 26.95
C ALA B 102 -11.59 16.45 26.24
N GLY B 103 -11.30 15.16 26.09
CA GLY B 103 -12.23 14.24 25.44
C GLY B 103 -12.05 14.09 23.94
N ASN B 104 -10.97 14.65 23.39
CA ASN B 104 -10.62 14.44 21.98
C ASN B 104 -10.04 13.04 21.83
N THR B 105 -10.33 12.38 20.72
CA THR B 105 -9.91 10.99 20.53
C THR B 105 -8.79 10.93 19.50
N PHE B 106 -7.74 10.19 19.86
CA PHE B 106 -6.58 9.99 19.00
C PHE B 106 -6.39 8.50 18.77
N THR B 107 -6.53 8.06 17.53
CA THR B 107 -6.35 6.66 17.18
C THR B 107 -5.13 6.54 16.29
N LYS B 108 -4.22 5.65 16.69
CA LYS B 108 -2.99 5.39 15.96
C LYS B 108 -3.04 3.96 15.50
N THR B 109 -2.89 3.76 14.19
CA THR B 109 -2.97 2.41 13.66
C THR B 109 -1.74 2.04 12.86
N PHE B 110 -1.18 0.88 13.18
CA PHE B 110 -0.14 0.29 12.36
C PHE B 110 -0.77 -0.64 11.33
N VAL B 111 -0.39 -0.49 10.06
CA VAL B 111 -0.93 -1.41 9.04
C VAL B 111 0.24 -2.11 8.40
N LEU B 112 0.24 -3.45 8.51
CA LEU B 112 1.33 -4.26 7.97
C LEU B 112 0.72 -5.21 6.91
N LYS B 113 1.52 -5.55 5.91
CA LYS B 113 1.04 -6.37 4.81
C LYS B 113 2.00 -7.55 4.63
N ARG B 114 1.45 -8.68 4.22
CA ARG B 114 2.23 -9.89 3.95
C ARG B 114 3.44 -9.62 3.06
N GLY B 115 4.62 -10.00 3.56
CA GLY B 115 5.88 -9.93 2.80
C GLY B 115 6.43 -8.53 2.62
N ASP B 116 5.78 -7.56 3.27
CA ASP B 116 6.02 -6.13 2.99
C ASP B 116 6.80 -5.52 4.17
N TYR B 117 7.91 -4.84 3.88
CA TYR B 117 8.71 -4.20 4.93
C TYR B 117 8.32 -2.75 5.17
N ALA B 118 7.28 -2.29 4.46
CA ALA B 118 6.76 -0.93 4.63
C ALA B 118 5.52 -0.98 5.51
N VAL B 119 5.61 -0.31 6.65
CA VAL B 119 4.56 -0.37 7.65
C VAL B 119 3.89 1.00 7.64
N ASN B 120 2.57 1.05 7.43
CA ASN B 120 1.90 2.33 7.49
C ASN B 120 1.56 2.71 8.92
N VAL B 121 1.75 3.98 9.24
CA VAL B 121 1.39 4.48 10.54
C VAL B 121 0.39 5.62 10.31
N ASN B 122 -0.84 5.40 10.70
CA ASN B 122 -1.91 6.35 10.40
C ASN B 122 -2.49 6.85 11.71
N TYR B 123 -2.83 8.13 11.74
CA TYR B 123 -3.57 8.70 12.88
C TYR B 123 -4.91 9.23 12.42
N ASN B 124 -5.86 9.10 13.33
CA ASN B 124 -7.16 9.72 13.22
CA ASN B 124 -7.16 9.73 13.23
C ASN B 124 -7.35 10.57 14.49
N VAL B 125 -7.58 11.86 14.31
CA VAL B 125 -7.79 12.77 15.43
C VAL B 125 -9.23 13.30 15.37
N GLN B 126 -10.02 13.04 16.41
CA GLN B 126 -11.37 13.57 16.46
CA GLN B 126 -11.40 13.54 16.50
C GLN B 126 -11.45 14.72 17.46
N ASN B 127 -11.79 15.89 16.93
CA ASN B 127 -11.86 17.06 17.75
C ASN B 127 -13.27 17.21 18.30
N ALA B 128 -13.44 16.81 19.57
CA ALA B 128 -14.73 16.91 20.27
C ALA B 128 -14.91 18.28 20.94
N GLY B 129 -13.84 19.06 21.04
CA GLY B 129 -13.89 20.36 21.74
C GLY B 129 -14.22 21.57 20.88
N GLU B 130 -14.03 22.75 21.47
CA GLU B 130 -14.40 23.99 20.82
C GLU B 130 -13.25 24.81 20.24
N LYS B 131 -12.02 24.34 20.38
CA LYS B 131 -10.90 25.08 19.79
C LYS B 131 -10.22 24.21 18.75
N PRO B 132 -9.69 24.82 17.67
CA PRO B 132 -8.96 24.01 16.67
C PRO B 132 -7.76 23.37 17.35
N LEU B 133 -7.44 22.15 16.93
CA LEU B 133 -6.30 21.42 17.49
C LEU B 133 -5.18 21.54 16.47
N GLU B 134 -4.05 22.10 16.90
CA GLU B 134 -2.90 22.27 16.01
C GLU B 134 -2.01 21.03 16.21
N ILE B 135 -1.86 20.22 15.17
CA ILE B 135 -1.20 18.91 15.25
C ILE B 135 -0.06 18.82 14.22
N SER B 136 1.13 18.44 14.71
CA SER B 136 2.27 18.10 13.86
CA SER B 136 2.26 18.10 13.86
C SER B 136 2.72 16.68 14.14
N SER B 137 2.51 15.78 13.19
CA SER B 137 3.01 14.43 13.34
CA SER B 137 3.00 14.42 13.30
C SER B 137 4.54 14.40 13.22
N PHE B 138 5.19 13.49 13.95
CA PHE B 138 6.65 13.33 13.83
C PHE B 138 7.04 11.87 13.75
N GLY B 139 8.21 11.61 13.15
CA GLY B 139 8.81 10.28 13.12
C GLY B 139 10.27 10.54 13.44
N GLN B 140 10.81 9.77 14.39
CA GLN B 140 12.20 9.92 14.81
C GLN B 140 12.82 8.55 14.85
N LEU B 141 14.04 8.44 14.34
CA LEU B 141 14.83 7.23 14.45
C LEU B 141 15.97 7.57 15.43
N LYS B 142 16.15 6.76 16.46
CA LYS B 142 17.10 7.05 17.55
C LYS B 142 18.03 5.84 17.74
N GLN B 143 19.33 6.07 17.91
CA GLN B 143 20.28 4.98 17.95
C GLN B 143 21.55 5.40 18.67
N SER B 144 22.02 4.50 19.54
CA SER B 144 23.37 4.61 20.14
C SER B 144 24.44 4.89 19.08
N ILE B 145 25.18 5.99 19.29
CA ILE B 145 26.23 6.41 18.36
C ILE B 145 27.36 5.38 18.24
N THR B 146 27.70 4.75 19.36
CA THR B 146 28.75 3.73 19.40
C THR B 146 28.11 2.35 19.63
N LEU B 147 28.52 1.36 18.83
CA LEU B 147 27.96 -0.02 18.87
C LEU B 147 28.01 -0.80 20.19
N PHE B 163 29.22 2.12 6.25
CA PHE B 163 27.79 1.99 5.95
C PHE B 163 26.84 2.54 7.02
N ARG B 164 27.37 2.76 8.23
CA ARG B 164 26.52 3.12 9.35
C ARG B 164 26.39 4.63 9.49
N GLY B 165 25.15 5.12 9.44
CA GLY B 165 24.92 6.54 9.66
C GLY B 165 23.48 6.87 9.34
N ALA B 166 23.19 8.17 9.23
CA ALA B 166 21.85 8.63 8.89
C ALA B 166 21.82 9.14 7.47
N ALA B 167 20.63 9.30 6.92
CA ALA B 167 20.50 9.85 5.57
C ALA B 167 19.15 10.48 5.42
N TYR B 168 19.04 11.36 4.44
CA TYR B 168 17.78 11.98 4.14
C TYR B 168 17.69 12.31 2.65
N SER B 169 16.47 12.59 2.21
CA SER B 169 16.18 13.01 0.85
C SER B 169 15.12 14.12 0.88
N THR B 170 15.25 15.07 -0.06
CA THR B 170 14.21 16.02 -0.36
C THR B 170 14.18 16.08 -1.89
N PRO B 171 13.09 16.57 -2.50
CA PRO B 171 13.11 16.72 -3.97
C PRO B 171 14.35 17.41 -4.55
N ASP B 172 14.83 18.48 -3.90
CA ASP B 172 16.02 19.18 -4.39
C ASP B 172 17.33 18.45 -4.09
N GLU B 173 17.37 17.80 -2.93
CA GLU B 173 18.60 17.23 -2.49
C GLU B 173 18.86 15.84 -3.08
N LYS B 174 17.79 15.08 -3.33
CA LYS B 174 17.84 13.63 -3.71
C LYS B 174 18.40 12.70 -2.65
N TYR B 175 19.63 12.97 -2.22
CA TYR B 175 20.25 12.13 -1.22
C TYR B 175 21.28 12.90 -0.45
N GLU B 176 21.35 12.62 0.85
CA GLU B 176 22.40 13.16 1.70
C GLU B 176 22.70 12.18 2.80
N LYS B 177 23.99 11.92 3.03
CA LYS B 177 24.46 11.12 4.16
C LYS B 177 24.82 12.07 5.31
N TYR B 178 24.32 11.78 6.52
CA TYR B 178 24.59 12.63 7.68
C TYR B 178 25.27 11.73 8.71
N LYS B 179 26.50 12.06 9.05
CA LYS B 179 27.32 11.20 9.95
C LYS B 179 26.95 11.24 11.43
N PHE B 180 26.99 10.09 12.10
CA PHE B 180 26.76 10.03 13.55
C PHE B 180 27.79 10.87 14.29
N ASP B 181 29.01 10.92 13.74
CA ASP B 181 30.11 11.71 14.33
C ASP B 181 29.77 13.20 14.38
N THR B 182 29.11 13.69 13.32
CA THR B 182 28.66 15.09 13.24
C THR B 182 27.59 15.39 14.28
N ILE B 183 26.63 14.46 14.43
CA ILE B 183 25.58 14.62 15.43
C ILE B 183 26.24 14.62 16.81
N ALA B 184 27.21 13.73 17.00
CA ALA B 184 27.95 13.67 18.28
C ALA B 184 28.66 15.00 18.60
N ASP B 185 29.10 15.69 17.56
CA ASP B 185 29.72 17.02 17.72
C ASP B 185 28.68 18.15 17.92
N ASN B 186 27.41 17.79 18.00
N ASN B 186 27.41 17.75 18.03
CA ASN B 186 26.35 18.78 18.22
CA ASN B 186 26.29 18.69 18.16
C ASN B 186 26.14 19.74 17.04
C ASN B 186 26.25 19.76 17.06
N GLU B 187 26.50 19.31 15.83
CA GLU B 187 26.23 20.09 14.63
C GLU B 187 25.14 19.32 13.94
N ASN B 188 23.94 19.91 13.96
CA ASN B 188 22.75 19.16 13.60
C ASN B 188 22.00 19.67 12.36
N LEU B 189 21.22 18.79 11.78
CA LEU B 189 20.39 19.14 10.65
C LEU B 189 19.14 19.98 11.03
N ASN B 190 18.75 20.87 10.13
CA ASN B 190 17.52 21.64 10.29
C ASN B 190 17.14 22.24 8.95
N ILE B 191 16.45 21.46 8.14
CA ILE B 191 16.03 21.89 6.80
C ILE B 191 14.52 21.65 6.64
N SER B 192 13.91 22.37 5.72
CA SER B 192 12.48 22.20 5.51
C SER B 192 12.23 22.00 4.05
N SER B 193 11.33 21.04 3.75
CA SER B 193 10.97 20.68 2.38
C SER B 193 9.67 19.92 2.30
N LYS B 194 8.96 20.14 1.20
CA LYS B 194 7.86 19.26 0.86
C LYS B 194 8.42 17.88 0.54
N GLY B 195 7.66 16.83 0.84
CA GLY B 195 8.05 15.46 0.49
C GLY B 195 9.26 15.03 1.34
N GLY B 196 10.04 14.09 0.81
CA GLY B 196 11.28 13.70 1.44
C GLY B 196 11.13 12.57 2.46
N TRP B 197 12.25 12.18 3.06
CA TRP B 197 12.28 11.09 4.04
C TRP B 197 13.58 11.17 4.83
N VAL B 198 13.60 10.47 5.96
CA VAL B 198 14.82 10.32 6.73
C VAL B 198 15.03 8.84 7.03
N ALA B 199 16.29 8.46 7.25
CA ALA B 199 16.69 7.05 7.41
C ALA B 199 17.91 6.89 8.32
N MSE B 200 18.02 5.71 8.90
CA MSE B 200 19.25 5.27 9.55
C MSE B 200 19.70 4.00 8.82
O MSE B 200 18.88 3.12 8.48
CB MSE B 200 18.99 5.02 11.03
CG MSE B 200 18.80 6.32 11.80
SE MSE B 200 19.08 6.02 13.70
CE MSE B 200 19.73 7.82 14.20
N LEU B 201 21.00 3.94 8.55
CA LEU B 201 21.52 2.97 7.60
C LEU B 201 22.59 2.11 8.24
N GLN B 202 22.72 0.88 7.74
CA GLN B 202 23.83 0.00 8.05
C GLN B 202 23.99 -0.87 6.82
N GLN B 203 25.01 -1.70 6.79
CA GLN B 203 25.16 -2.52 5.61
C GLN B 203 23.91 -3.41 5.44
N TYR B 204 23.30 -3.35 4.27
CA TYR B 204 22.19 -4.24 3.87
C TYR B 204 20.81 -3.91 4.45
N PHE B 205 20.73 -3.07 5.49
CA PHE B 205 19.45 -2.86 6.15
C PHE B 205 19.24 -1.39 6.48
N ALA B 206 17.99 -0.98 6.46
CA ALA B 206 17.62 0.41 6.78
C ALA B 206 16.30 0.51 7.51
N THR B 207 16.20 1.56 8.33
CA THR B 207 14.92 2.08 8.75
C THR B 207 14.76 3.47 8.16
N ALA B 208 13.51 3.81 7.85
CA ALA B 208 13.20 5.12 7.33
C ALA B 208 11.78 5.55 7.66
N TRP B 209 11.63 6.85 7.88
CA TRP B 209 10.31 7.46 8.01
C TRP B 209 10.03 8.27 6.76
N ILE B 210 8.89 8.00 6.16
CA ILE B 210 8.41 8.70 4.96
C ILE B 210 7.02 9.34 5.27
N PRO B 211 6.98 10.67 5.46
CA PRO B 211 5.70 11.34 5.68
C PRO B 211 4.84 11.37 4.40
N HIS B 212 3.54 11.31 4.56
CA HIS B 212 2.60 11.41 3.43
C HIS B 212 1.67 12.58 3.67
N ASN B 213 2.13 13.77 3.31
CA ASN B 213 1.33 14.98 3.47
C ASN B 213 1.67 15.99 2.39
N ASP B 214 0.89 17.06 2.32
CA ASP B 214 1.15 18.08 1.29
C ASP B 214 1.76 19.36 1.86
N GLY B 215 2.35 19.26 3.06
CA GLY B 215 2.93 20.42 3.70
C GLY B 215 4.44 20.43 3.53
N THR B 216 5.08 21.43 4.12
CA THR B 216 6.54 21.51 4.19
C THR B 216 6.97 20.82 5.47
N ASN B 217 7.65 19.68 5.33
CA ASN B 217 8.16 18.98 6.51
C ASN B 217 9.45 19.63 7.00
N ASN B 218 9.72 19.51 8.30
CA ASN B 218 11.01 19.88 8.83
C ASN B 218 11.82 18.63 9.13
N PHE B 219 13.02 18.53 8.57
CA PHE B 219 13.89 17.41 8.85
C PHE B 219 14.98 17.86 9.80
N TYR B 220 15.33 17.02 10.75
CA TYR B 220 16.34 17.44 11.75
C TYR B 220 17.18 16.27 12.23
N THR B 221 18.31 16.57 12.88
CA THR B 221 19.01 15.57 13.71
C THR B 221 19.14 16.17 15.11
N ALA B 222 19.38 15.29 16.08
CA ALA B 222 19.57 15.72 17.46
C ALA B 222 20.52 14.80 18.16
N ASN B 223 21.30 15.38 19.06
CA ASN B 223 22.11 14.59 19.97
C ASN B 223 21.30 14.55 21.26
N LEU B 224 20.79 13.39 21.60
CA LEU B 224 19.79 13.27 22.66
C LEU B 224 20.41 13.05 24.03
N GLY B 225 21.74 13.10 24.07
CA GLY B 225 22.49 12.88 25.28
C GLY B 225 22.77 11.41 25.45
N ASN B 226 23.76 11.12 26.29
CA ASN B 226 24.11 9.75 26.65
C ASN B 226 24.47 8.89 25.48
N GLY B 227 25.07 9.53 24.47
CA GLY B 227 25.62 8.84 23.33
C GLY B 227 24.57 8.38 22.34
N ILE B 228 23.40 9.01 22.39
CA ILE B 228 22.31 8.65 21.47
C ILE B 228 22.08 9.74 20.42
N ALA B 229 22.04 9.33 19.16
CA ALA B 229 21.79 10.21 18.01
C ALA B 229 20.36 10.02 17.54
N ALA B 230 19.79 11.07 16.95
CA ALA B 230 18.48 10.94 16.32
C ALA B 230 18.40 11.69 14.99
N ILE B 231 17.61 11.15 14.08
CA ILE B 231 17.18 11.90 12.91
C ILE B 231 15.67 11.78 12.85
N GLY B 232 14.99 12.81 12.34
CA GLY B 232 13.52 12.76 12.37
C GLY B 232 12.91 13.73 11.38
N TYR B 233 11.58 13.65 11.23
CA TYR B 233 10.81 14.68 10.57
C TYR B 233 9.68 15.16 11.48
N LYS B 234 9.25 16.40 11.25
CA LYS B 234 8.10 16.98 11.91
C LYS B 234 7.26 17.61 10.81
N SER B 235 6.01 17.20 10.70
CA SER B 235 5.13 17.73 9.68
CA SER B 235 5.09 17.73 9.70
C SER B 235 4.78 19.20 9.93
N GLN B 236 4.48 19.91 8.85
CA GLN B 236 3.92 21.25 9.00
C GLN B 236 2.61 21.11 9.80
N PRO B 237 2.43 21.95 10.83
CA PRO B 237 1.19 21.84 11.62
C PRO B 237 -0.07 21.90 10.75
N VAL B 238 -1.04 21.06 11.10
CA VAL B 238 -2.36 21.10 10.48
C VAL B 238 -3.39 21.49 11.57
N LEU B 239 -4.50 22.08 11.17
CA LEU B 239 -5.53 22.42 12.15
C LEU B 239 -6.71 21.49 12.03
N VAL B 240 -7.03 20.79 13.11
CA VAL B 240 -8.28 20.02 13.16
C VAL B 240 -9.37 20.90 13.79
N GLN B 241 -10.31 21.36 12.96
CA GLN B 241 -11.34 22.31 13.41
C GLN B 241 -12.30 21.64 14.42
N PRO B 242 -12.96 22.44 15.29
CA PRO B 242 -13.92 21.86 16.23
C PRO B 242 -14.95 20.96 15.51
N GLY B 243 -15.16 19.77 16.08
CA GLY B 243 -16.09 18.80 15.55
C GLY B 243 -15.62 18.02 14.34
N GLN B 244 -14.42 18.34 13.85
CA GLN B 244 -13.90 17.68 12.65
C GLN B 244 -12.94 16.57 12.99
N THR B 245 -12.71 15.69 12.02
CA THR B 245 -11.72 14.63 12.17
C THR B 245 -10.54 14.91 11.24
N GLY B 246 -9.32 14.76 11.77
CA GLY B 246 -8.10 15.00 10.98
C GLY B 246 -7.36 13.69 10.80
N ALA B 247 -6.59 13.60 9.73
CA ALA B 247 -5.79 12.36 9.54
C ALA B 247 -4.35 12.70 9.18
N MSE B 248 -3.42 11.88 9.64
CA MSE B 248 -1.99 12.13 9.40
C MSE B 248 -1.45 10.75 9.07
O MSE B 248 -1.79 9.79 9.77
CB MSE B 248 -1.31 12.68 10.66
CG MSE B 248 -1.73 14.09 11.12
SE MSE B 248 -3.29 13.85 12.28
CE MSE B 248 -4.10 15.65 12.20
N ASN B 249 -0.65 10.64 8.03
CA ASN B 249 -0.22 9.33 7.54
C ASN B 249 1.26 9.35 7.25
N SER B 250 1.91 8.24 7.56
CA SER B 250 3.32 8.08 7.18
C SER B 250 3.62 6.62 6.96
N THR B 251 4.83 6.33 6.46
CA THR B 251 5.28 4.93 6.34
C THR B 251 6.61 4.77 7.07
N LEU B 252 6.76 3.70 7.83
CA LEU B 252 8.05 3.26 8.39
C LEU B 252 8.59 2.10 7.51
N TRP B 253 9.74 2.32 6.87
CA TRP B 253 10.46 1.19 6.26
C TRP B 253 11.29 0.58 7.36
N VAL B 254 11.14 -0.71 7.61
CA VAL B 254 12.03 -1.41 8.53
C VAL B 254 12.36 -2.78 7.90
N GLY B 255 13.57 -2.90 7.37
CA GLY B 255 13.91 -4.15 6.71
C GLY B 255 15.15 -4.06 5.86
N PRO B 256 15.33 -5.02 4.94
CA PRO B 256 16.51 -4.97 4.12
C PRO B 256 16.38 -3.86 3.10
N GLU B 257 17.53 -3.44 2.58
CA GLU B 257 17.59 -2.47 1.49
C GLU B 257 17.23 -3.23 0.20
N ILE B 258 16.00 -3.04 -0.26
CA ILE B 258 15.46 -3.65 -1.48
CA ILE B 258 15.51 -3.65 -1.48
C ILE B 258 15.16 -2.56 -2.49
N GLN B 259 15.93 -2.53 -3.58
CA GLN B 259 15.79 -1.45 -4.54
C GLN B 259 14.37 -1.25 -5.10
N ASP B 260 13.76 -2.32 -5.61
CA ASP B 260 12.52 -2.17 -6.36
CA ASP B 260 12.49 -2.26 -6.35
C ASP B 260 11.30 -1.87 -5.47
N LYS B 261 11.24 -2.46 -4.28
CA LYS B 261 10.17 -2.13 -3.34
C LYS B 261 10.34 -0.72 -2.77
N MSE B 262 11.57 -0.37 -2.37
CA MSE B 262 11.81 0.99 -1.81
C MSE B 262 11.49 2.14 -2.77
O MSE B 262 10.93 3.15 -2.36
CB MSE B 262 13.25 1.15 -1.33
CG MSE B 262 13.59 0.26 -0.17
SE MSE B 262 15.41 0.50 0.36
CE MSE B 262 15.18 1.24 2.16
N ALA B 263 11.84 1.97 -4.04
CA ALA B 263 11.57 3.03 -5.03
C ALA B 263 10.10 3.42 -5.18
N ALA B 264 9.21 2.46 -4.97
CA ALA B 264 7.77 2.71 -5.05
C ALA B 264 7.23 3.35 -3.77
N VAL B 265 7.97 3.20 -2.67
CA VAL B 265 7.58 3.78 -1.36
C VAL B 265 7.74 5.31 -1.42
N ALA B 266 8.88 5.77 -1.91
CA ALA B 266 9.18 7.22 -1.96
C ALA B 266 10.30 7.45 -2.93
N PRO B 267 10.24 8.57 -3.66
CA PRO B 267 11.33 8.91 -4.57
C PRO B 267 12.66 8.87 -3.86
N HIS B 268 13.67 8.26 -4.52
CA HIS B 268 15.05 8.18 -4.02
C HIS B 268 15.31 7.27 -2.83
N LEU B 269 14.27 6.67 -2.24
CA LEU B 269 14.49 5.77 -1.07
C LEU B 269 15.44 4.63 -1.43
N ASP B 270 15.31 4.14 -2.67
CA ASP B 270 16.20 3.12 -3.24
C ASP B 270 17.68 3.54 -3.28
N LEU B 271 17.95 4.83 -3.18
CA LEU B 271 19.35 5.28 -3.13
C LEU B 271 20.04 4.83 -1.86
N THR B 272 19.28 4.34 -0.86
CA THR B 272 19.94 3.71 0.30
C THR B 272 20.67 2.40 -0.09
N VAL B 273 20.27 1.78 -1.19
CA VAL B 273 20.88 0.51 -1.66
C VAL B 273 22.27 0.76 -2.22
N ASP B 274 23.25 0.03 -1.68
CA ASP B 274 24.63 0.09 -2.16
C ASP B 274 24.78 -0.54 -3.56
N HIS B 275 25.20 0.27 -4.53
CA HIS B 275 25.78 -0.36 -5.71
C HIS B 275 26.91 0.41 -6.39
CA CA C . 8.61 -13.95 -25.95
CA CA D . 7.34 -15.77 -29.08
CA CA E . 9.36 -20.27 -25.40
CA CA F . -23.43 -23.19 -6.69
CA CA G . -26.42 -23.07 -10.25
O1 PG4 H . -17.68 -12.18 -16.70
C1 PG4 H . -16.26 -12.05 -16.57
C2 PG4 H . -15.56 -13.22 -17.24
O2 PG4 H . -15.30 -14.28 -16.30
C3 PG4 H . -14.12 -15.01 -16.65
C4 PG4 H . -14.20 -16.45 -16.10
O3 PG4 H . -13.07 -17.21 -16.52
C5 PG4 H . -13.24 -17.79 -17.83
C6 PG4 H . -12.53 -19.14 -17.95
O4 PG4 H . -11.69 -19.16 -19.10
C7 PG4 H . -10.40 -19.71 -18.80
C8 PG4 H . -9.90 -20.52 -19.99
O5 PG4 H . -8.97 -21.49 -19.53
C1 PGE I . -4.05 -14.01 -1.16
O1 PGE I . -3.82 -13.89 -2.62
C2 PGE I . -3.69 -15.28 -0.33
O2 PGE I . -4.77 -16.03 0.44
C3 PGE I . -4.52 -17.42 0.53
C4 PGE I . -5.41 -18.26 1.46
O4 PGE I . -8.27 -19.15 4.59
C6 PGE I . -7.19 -19.28 3.61
C5 PGE I . -7.56 -18.65 2.26
O3 PGE I . -6.63 -17.61 1.86
C1 PGE J . -5.06 -2.18 1.81
O1 PGE J . -4.10 -1.09 1.64
C2 PGE J . -4.65 -3.44 1.04
O2 PGE J . -4.79 -4.63 1.83
C3 PGE J . -4.69 -5.84 1.06
C4 PGE J . -3.60 -6.77 1.59
O4 PGE J . 1.10 -7.75 0.58
C6 PGE J . -0.14 -7.06 0.25
C5 PGE J . -1.28 -7.37 1.21
O3 PGE J . -2.40 -6.57 0.83
C1 EDO K . -18.91 13.33 -9.48
O1 EDO K . -19.24 14.71 -9.30
C2 EDO K . -19.91 12.42 -8.79
O2 EDO K . -20.60 11.64 -9.77
C1 EDO L . -5.78 -14.22 -6.02
O1 EDO L . -4.53 -13.85 -6.61
C2 EDO L . -5.88 -15.70 -5.67
O2 EDO L . -5.74 -15.93 -4.26
C1 EDO M . 13.64 4.66 -12.34
O1 EDO M . 12.69 5.59 -12.86
C2 EDO M . 14.47 5.37 -11.26
O2 EDO M . 14.15 4.85 -9.95
O1 2PE N . 6.20 24.51 9.42
C2 2PE N . 6.98 23.55 8.67
C3 2PE N . 7.53 22.44 9.57
O4 2PE N . 7.00 22.51 10.89
C5 2PE N . 7.64 21.62 11.82
C6 2PE N . 8.04 22.36 13.10
O7 2PE N . 9.29 23.03 12.91
C8 2PE N . 9.99 23.37 14.10
C9 2PE N . 11.47 23.58 13.77
O10 2PE N . 12.32 22.93 14.72
C11 2PE N . 13.38 22.19 14.11
C12 2PE N . 14.30 21.54 15.16
O13 2PE N . 13.94 20.17 15.39
C14 2PE N . 13.37 20.02 16.74
C15 2PE N . 13.27 18.52 17.09
O16 2PE N . 11.97 18.25 17.63
C17 2PE N . 11.91 17.01 18.34
C18 2PE N . 10.64 16.24 17.98
O19 2PE N . 10.17 15.47 19.08
C20 2PE N . 10.61 14.10 19.01
C21 2PE N . 10.68 13.52 20.42
O22 2PE N . 10.38 12.12 20.44
C23 2PE N . 9.66 11.71 21.60
C24 2PE N . 10.57 11.13 22.68
O25 2PE N . 9.89 11.07 23.95
C26 2PE N . 10.66 10.50 25.02
C27 2PE N . 10.37 9.00 25.22
O28 2PE N . 8.97 8.73 25.31
C1 PGE O . -9.78 -0.19 20.41
O1 PGE O . -8.45 -0.34 20.92
C2 PGE O . -9.78 0.12 18.91
O2 PGE O . -9.38 -1.05 18.18
C3 PGE O . -10.43 -1.73 17.49
C4 PGE O . -10.08 -3.20 17.28
O4 PGE O . -6.33 -3.02 19.20
C6 PGE O . -6.71 -4.25 18.52
C5 PGE O . -7.90 -4.24 17.56
O3 PGE O . -9.03 -3.60 18.18
C1 EDO P . 19.49 -8.52 0.48
O1 EDO P . 18.13 -8.97 0.37
C2 EDO P . 19.77 -7.96 1.89
O2 EDO P . 20.89 -8.62 2.49
C1 EDO Q . 2.73 -14.57 18.90
O1 EDO Q . 3.51 -13.93 19.92
C2 EDO Q . 3.36 -15.90 18.54
O2 EDO Q . 3.18 -16.20 17.14
C1 EDO R . 5.28 -9.18 23.75
O1 EDO R . 6.32 -8.59 24.55
C2 EDO R . 4.00 -9.33 24.58
O2 EDO R . 3.26 -10.48 24.12
C1 EDO S . 16.92 -14.40 1.62
O1 EDO S . 16.00 -13.30 1.62
C2 EDO S . 17.75 -14.41 2.90
O2 EDO S . 19.14 -14.24 2.58
#